data_1D8F
#
_entry.id   1D8F
#
_cell.length_a   38.27
_cell.length_b   78.54
_cell.length_c   106.58
_cell.angle_alpha   90
_cell.angle_beta   90
_cell.angle_gamma   90
#
_symmetry.space_group_name_H-M   'P 21 21 21'
#
loop_
_entity.id
_entity.type
_entity.pdbx_description
1 polymer 'STROMELYSIN-1 PRECURSOR'
2 non-polymer 'ZINC ION'
3 non-polymer 'CALCIUM ION'
4 non-polymer N-HYDROXY-1-(4-METHOXYPHENYL)SULFONYL-4-BENZYLOXYCARBONYL-PIPERAZINE-2-CARBOXAMIDE
5 water water
#
_entity_poly.entity_id   1
_entity_poly.type   'polypeptide(L)'
_entity_poly.pdbx_seq_one_letter_code
;FRTFPGIPKWRKTHLTYRIVNYTPDLPKDAVDSAVEKALKVWEEVTPLTFSRLYEGEADIMISFAVREHGDFYPFDGPGN
VLAHAYAPGPGINGDAHFDDDEQWTKDTTGTNLFLVAAHEIGHSLGLFHSANTEALMYPLYHSLTDLTRFRLSQDDINGI
QSLYGPPPDSPET
;
_entity_poly.pdbx_strand_id   A,B
#
# COMPACT_ATOMS: atom_id res chain seq x y z
N PHE A 1 19.22 14.51 24.52
CA PHE A 1 18.98 13.52 23.44
C PHE A 1 19.36 12.13 23.87
N ARG A 2 19.01 11.17 23.02
CA ARG A 2 19.35 9.81 23.33
C ARG A 2 19.45 8.92 22.11
N THR A 3 20.29 7.90 22.23
CA THR A 3 20.52 6.95 21.17
C THR A 3 20.07 5.57 21.64
N PHE A 4 19.87 4.66 20.70
CA PHE A 4 19.45 3.31 21.04
C PHE A 4 20.59 2.57 21.77
N PRO A 5 20.26 1.56 22.57
CA PRO A 5 21.32 0.83 23.29
C PRO A 5 22.29 0.10 22.36
N GLY A 6 23.56 0.11 22.71
CA GLY A 6 24.58 -0.41 21.80
C GLY A 6 24.93 0.59 20.72
N ILE A 7 24.24 1.73 20.77
CA ILE A 7 24.43 2.82 19.83
C ILE A 7 24.54 2.42 18.35
N PRO A 8 23.46 1.83 17.82
CA PRO A 8 23.45 1.39 16.43
C PRO A 8 23.50 2.60 15.50
N LYS A 9 24.23 2.46 14.42
CA LYS A 9 24.35 3.52 13.43
C LYS A 9 24.68 2.86 12.12
N TRP A 10 24.48 3.56 11.02
CA TRP A 10 24.80 2.99 9.74
C TRP A 10 26.30 3.12 9.56
N ARG A 11 26.92 2.07 9.05
CA ARG A 11 28.36 2.09 8.87
C ARG A 11 28.75 2.77 7.56
N LYS A 12 27.75 3.19 6.79
CA LYS A 12 28.00 3.85 5.52
C LYS A 12 27.34 5.22 5.49
N THR A 13 27.98 6.15 4.78
CA THR A 13 27.50 7.53 4.67
C THR A 13 26.35 7.74 3.69
N HIS A 14 26.35 6.97 2.60
CA HIS A 14 25.31 7.07 1.59
C HIS A 14 24.23 6.00 1.80
N LEU A 15 23.01 6.45 2.03
CA LEU A 15 21.89 5.56 2.26
C LEU A 15 20.86 5.69 1.17
N THR A 16 20.15 4.60 0.89
CA THR A 16 19.10 4.64 -0.12
C THR A 16 17.74 4.50 0.53
N TYR A 17 16.74 5.10 -0.09
CA TYR A 17 15.38 5.02 0.43
C TYR A 17 14.41 4.59 -0.67
N ARG A 18 13.23 4.12 -0.28
CA ARG A 18 12.25 3.68 -1.26
C ARG A 18 10.82 3.80 -0.73
N ILE A 19 9.96 4.49 -1.47
CA ILE A 19 8.57 4.63 -1.06
C ILE A 19 7.80 3.45 -1.66
N VAL A 20 7.49 2.48 -0.80
CA VAL A 20 6.81 1.23 -1.19
C VAL A 20 5.41 1.35 -1.78
N ASN A 21 4.61 2.26 -1.24
CA ASN A 21 3.26 2.48 -1.71
C ASN A 21 2.79 3.88 -1.35
N TYR A 22 1.54 4.18 -1.67
CA TYR A 22 0.99 5.51 -1.40
C TYR A 22 -0.33 5.49 -0.66
N THR A 23 -0.66 6.65 -0.14
CA THR A 23 -1.87 6.84 0.65
C THR A 23 -2.98 7.52 -0.15
N PRO A 24 -4.24 7.12 0.08
CA PRO A 24 -5.37 7.71 -0.60
C PRO A 24 -5.61 9.17 -0.14
N ASP A 25 -5.08 9.54 1.03
CA ASP A 25 -5.25 10.89 1.59
C ASP A 25 -4.55 12.03 0.82
N LEU A 26 -3.52 11.69 0.05
CA LEU A 26 -2.73 12.72 -0.59
C LEU A 26 -2.23 12.37 -1.97
N PRO A 27 -2.10 13.39 -2.84
CA PRO A 27 -1.60 13.12 -4.19
C PRO A 27 -0.15 12.70 -3.99
N LYS A 28 0.41 11.97 -4.96
CA LYS A 28 1.80 11.50 -4.82
C LYS A 28 2.93 12.54 -4.75
N ASP A 29 2.81 13.68 -5.44
CA ASP A 29 3.90 14.67 -5.38
C ASP A 29 4.09 15.23 -3.97
N ALA A 30 3.02 15.18 -3.19
CA ALA A 30 2.99 15.65 -1.81
C ALA A 30 3.64 14.65 -0.86
N VAL A 31 3.61 13.38 -1.25
CA VAL A 31 4.21 12.33 -0.41
C VAL A 31 5.72 12.28 -0.67
N ASP A 32 6.10 12.40 -1.94
CA ASP A 32 7.50 12.40 -2.30
C ASP A 32 8.21 13.57 -1.62
N SER A 33 7.60 14.75 -1.73
CA SER A 33 8.18 15.95 -1.15
C SER A 33 8.33 15.93 0.35
N ALA A 34 7.31 15.45 1.05
CA ALA A 34 7.38 15.39 2.51
C ALA A 34 8.52 14.47 2.94
N VAL A 35 8.74 13.40 2.18
CA VAL A 35 9.83 12.45 2.48
C VAL A 35 11.18 13.12 2.14
N GLU A 36 11.26 13.76 0.99
CA GLU A 36 12.50 14.44 0.60
C GLU A 36 12.85 15.57 1.55
N LYS A 37 11.83 16.30 2.02
CA LYS A 37 12.11 17.38 2.97
C LYS A 37 12.57 16.77 4.29
N ALA A 38 11.94 15.67 4.68
CA ALA A 38 12.25 14.97 5.92
C ALA A 38 13.71 14.53 5.98
N LEU A 39 14.25 14.16 4.81
CA LEU A 39 15.63 13.74 4.67
C LEU A 39 16.60 14.94 4.68
N LYS A 40 16.24 16.05 4.02
CA LYS A 40 17.11 17.23 3.98
C LYS A 40 17.40 17.68 5.38
N VAL A 41 16.40 17.55 6.24
CA VAL A 41 16.51 17.91 7.64
C VAL A 41 17.77 17.33 8.32
N TRP A 42 18.07 16.09 8.01
CA TRP A 42 19.23 15.44 8.59
C TRP A 42 20.50 15.60 7.77
N GLU A 43 20.35 15.72 6.44
CA GLU A 43 21.51 15.92 5.58
C GLU A 43 22.26 17.18 6.00
N GLU A 44 21.53 18.28 6.12
CA GLU A 44 22.11 19.57 6.47
C GLU A 44 23.03 19.64 7.68
N VAL A 45 22.92 18.67 8.58
CA VAL A 45 23.75 18.66 9.79
C VAL A 45 24.69 17.45 9.95
N THR A 46 24.87 16.69 8.87
CA THR A 46 25.72 15.50 8.90
C THR A 46 26.29 15.17 7.52
N PRO A 47 27.34 14.36 7.46
CA PRO A 47 27.89 14.02 6.15
C PRO A 47 27.10 12.94 5.38
N LEU A 48 25.87 12.65 5.82
CA LEU A 48 25.01 11.66 5.16
C LEU A 48 24.37 12.19 3.89
N THR A 49 24.21 11.32 2.92
CA THR A 49 23.58 11.67 1.64
C THR A 49 22.61 10.55 1.33
N PHE A 50 21.52 10.86 0.63
CA PHE A 50 20.49 9.86 0.31
C PHE A 50 20.11 9.85 -1.16
N SER A 51 19.82 8.67 -1.71
CA SER A 51 19.36 8.57 -3.10
C SER A 51 18.17 7.62 -3.11
N ARG A 52 17.39 7.66 -4.19
CA ARG A 52 16.18 6.84 -4.28
C ARG A 52 16.19 5.63 -5.22
N LEU A 53 15.55 4.57 -4.76
CA LEU A 53 15.43 3.33 -5.53
C LEU A 53 13.95 3.13 -5.82
N TYR A 54 13.66 2.38 -6.87
CA TYR A 54 12.27 2.10 -7.22
C TYR A 54 12.03 0.59 -7.29
N GLU A 55 13.10 -0.18 -7.06
CA GLU A 55 13.04 -1.63 -7.07
C GLU A 55 14.20 -2.05 -6.22
N GLY A 56 14.20 -3.29 -5.77
CA GLY A 56 15.25 -3.68 -4.86
C GLY A 56 14.98 -3.23 -3.43
N GLU A 57 15.75 -3.79 -2.51
CA GLU A 57 15.61 -3.48 -1.10
C GLU A 57 16.49 -2.30 -0.74
N ALA A 58 15.87 -1.15 -0.50
CA ALA A 58 16.61 0.04 -0.11
C ALA A 58 16.93 -0.07 1.39
N ASP A 59 17.75 0.83 1.92
CA ASP A 59 18.08 0.78 3.34
C ASP A 59 16.87 1.22 4.16
N ILE A 60 16.25 2.31 3.73
CA ILE A 60 15.10 2.87 4.41
C ILE A 60 13.83 2.76 3.55
N MET A 61 13.04 1.73 3.82
CA MET A 61 11.77 1.47 3.11
C MET A 61 10.60 2.15 3.82
N ILE A 62 9.86 2.95 3.06
CA ILE A 62 8.72 3.68 3.59
C ILE A 62 7.38 3.10 3.09
N SER A 63 6.45 2.85 4.01
CA SER A 63 5.16 2.29 3.62
C SER A 63 3.96 2.76 4.45
N PHE A 64 2.79 2.68 3.86
CA PHE A 64 1.55 3.07 4.54
C PHE A 64 0.83 1.77 4.89
N ALA A 65 0.38 1.68 6.14
CA ALA A 65 -0.26 0.45 6.57
C ALA A 65 -1.43 0.67 7.49
N VAL A 66 -2.31 -0.31 7.54
CA VAL A 66 -3.47 -0.26 8.41
C VAL A 66 -3.41 -1.54 9.24
N ARG A 67 -3.80 -1.47 10.50
CA ARG A 67 -3.79 -2.63 11.40
C ARG A 67 -2.57 -3.54 11.22
N GLU A 68 -2.83 -4.82 10.99
CA GLU A 68 -1.80 -5.81 10.79
C GLU A 68 -1.21 -5.71 9.39
N HIS A 69 0.11 -5.69 9.32
CA HIS A 69 0.86 -5.61 8.08
C HIS A 69 2.04 -6.56 8.33
N GLY A 70 3.21 -6.29 7.78
CA GLY A 70 4.19 -7.35 7.76
C GLY A 70 5.06 -7.52 9.01
N ASP A 71 4.57 -7.10 10.17
CA ASP A 71 5.36 -7.21 11.39
C ASP A 71 4.52 -7.48 12.65
N PHE A 72 5.18 -7.83 13.76
CA PHE A 72 4.52 -8.12 15.05
C PHE A 72 3.80 -6.95 15.71
N TYR A 73 3.95 -5.74 15.19
CA TYR A 73 3.35 -4.58 15.84
C TYR A 73 2.32 -3.89 14.94
N PRO A 74 1.05 -4.34 14.99
CA PRO A 74 -0.02 -3.77 14.19
C PRO A 74 -0.39 -2.38 14.66
N PHE A 75 -0.94 -1.56 13.76
CA PHE A 75 -1.34 -0.21 14.12
C PHE A 75 -2.66 -0.23 14.91
N ASP A 76 -2.97 0.87 15.59
CA ASP A 76 -4.16 0.98 16.43
C ASP A 76 -5.37 1.85 16.02
N GLY A 77 -5.69 1.92 14.73
CA GLY A 77 -6.81 2.74 14.32
C GLY A 77 -6.46 4.23 14.27
N PRO A 78 -7.46 5.12 14.20
CA PRO A 78 -7.25 6.57 14.15
C PRO A 78 -6.57 7.10 15.41
N GLY A 79 -5.69 8.09 15.23
CA GLY A 79 -5.03 8.67 16.37
C GLY A 79 -4.05 7.78 17.10
N ASN A 80 -3.51 8.33 18.20
CA ASN A 80 -2.55 7.64 19.06
C ASN A 80 -1.25 7.30 18.32
N VAL A 81 -0.91 6.03 18.16
CA VAL A 81 0.29 5.73 17.42
C VAL A 81 0.04 6.15 15.98
N LEU A 82 0.83 7.11 15.49
CA LEU A 82 0.73 7.63 14.14
C LEU A 82 1.64 6.87 13.17
N ALA A 83 2.83 6.53 13.65
CA ALA A 83 3.81 5.81 12.84
C ALA A 83 4.90 5.25 13.73
N HIS A 84 5.70 4.35 13.17
CA HIS A 84 6.82 3.77 13.91
C HIS A 84 7.93 3.33 12.98
N ALA A 85 9.16 3.51 13.42
CA ALA A 85 10.32 3.14 12.62
C ALA A 85 11.31 2.27 13.40
N TYR A 86 12.10 1.49 12.68
CA TYR A 86 13.06 0.59 13.31
C TYR A 86 14.45 1.22 13.32
N ALA A 87 15.25 0.84 14.30
CA ALA A 87 16.62 1.34 14.40
C ALA A 87 17.46 0.86 13.20
N PRO A 88 18.55 1.58 12.89
CA PRO A 88 19.40 1.20 11.77
C PRO A 88 19.99 -0.21 11.84
N GLY A 89 20.17 -0.81 10.67
CA GLY A 89 20.57 -2.21 10.60
C GLY A 89 20.01 -2.84 9.34
N PRO A 90 20.18 -4.17 9.13
CA PRO A 90 19.69 -4.89 7.94
C PRO A 90 18.19 -5.24 7.99
N GLY A 91 17.62 -5.51 6.81
CA GLY A 91 16.27 -6.03 6.72
C GLY A 91 15.21 -5.03 7.14
N ILE A 92 14.38 -5.43 8.10
CA ILE A 92 13.31 -4.60 8.65
C ILE A 92 13.89 -3.34 9.35
N ASN A 93 15.17 -3.41 9.72
CA ASN A 93 15.82 -2.27 10.37
C ASN A 93 16.03 -1.09 9.43
N GLY A 94 15.92 0.11 9.97
CA GLY A 94 15.82 1.32 9.16
C GLY A 94 14.50 1.67 8.49
N ASP A 95 13.55 0.72 8.48
CA ASP A 95 12.25 0.91 7.82
C ASP A 95 11.24 1.74 8.63
N ALA A 96 10.48 2.59 7.92
CA ALA A 96 9.46 3.42 8.57
C ALA A 96 8.06 3.10 8.06
N HIS A 97 7.18 2.75 9.00
CA HIS A 97 5.81 2.38 8.68
C HIS A 97 4.87 3.50 9.13
N PHE A 98 3.85 3.83 8.34
CA PHE A 98 2.92 4.91 8.67
C PHE A 98 1.48 4.44 8.72
N ASP A 99 0.77 4.79 9.79
CA ASP A 99 -0.64 4.39 9.95
C ASP A 99 -1.60 5.15 9.02
N ASP A 100 -2.19 4.44 8.07
CA ASP A 100 -3.09 5.07 7.12
C ASP A 100 -4.52 5.30 7.65
N ASP A 101 -4.73 5.00 8.93
CA ASP A 101 -6.01 5.26 9.57
C ASP A 101 -5.97 6.71 10.11
N GLU A 102 -4.85 7.39 9.83
CA GLU A 102 -4.68 8.81 10.17
C GLU A 102 -4.89 9.52 8.85
N GLN A 103 -5.22 10.81 8.91
CA GLN A 103 -5.42 11.59 7.70
C GLN A 103 -4.14 12.39 7.44
N TRP A 104 -3.28 11.88 6.57
CA TRP A 104 -2.04 12.59 6.27
C TRP A 104 -2.30 13.84 5.43
N THR A 105 -1.77 14.96 5.89
CA THR A 105 -1.92 16.25 5.21
C THR A 105 -0.57 16.95 5.01
N LYS A 106 -0.56 17.93 4.12
CA LYS A 106 0.65 18.73 3.85
C LYS A 106 0.59 19.92 4.80
N ASP A 107 -0.63 20.21 5.20
CA ASP A 107 -1.01 21.28 6.10
C ASP A 107 -1.06 20.68 7.50
N THR A 108 -1.67 21.40 8.44
CA THR A 108 -1.79 20.86 9.79
C THR A 108 -3.25 20.62 10.19
N THR A 109 -4.09 20.35 9.18
CA THR A 109 -5.51 20.08 9.38
C THR A 109 -5.76 18.59 9.67
N GLY A 110 -4.68 17.84 9.77
CA GLY A 110 -4.75 16.46 10.21
C GLY A 110 -3.35 16.12 10.70
N THR A 111 -2.81 14.98 10.27
CA THR A 111 -1.45 14.62 10.70
C THR A 111 -0.48 14.98 9.59
N ASN A 112 0.32 15.99 9.85
CA ASN A 112 1.32 16.47 8.90
C ASN A 112 2.38 15.39 8.63
N LEU A 113 2.42 14.94 7.37
CA LEU A 113 3.35 13.89 6.94
C LEU A 113 4.82 14.24 7.10
N PHE A 114 5.18 15.49 6.84
CA PHE A 114 6.57 15.94 6.95
C PHE A 114 7.15 15.83 8.36
N LEU A 115 6.47 16.42 9.33
CA LEU A 115 6.93 16.40 10.72
C LEU A 115 7.08 15.00 11.32
N VAL A 116 6.10 14.13 11.06
CA VAL A 116 6.13 12.76 11.54
C VAL A 116 7.22 11.95 10.83
N ALA A 117 7.35 12.16 9.51
CA ALA A 117 8.38 11.46 8.74
C ALA A 117 9.77 11.90 9.21
N ALA A 118 9.94 13.20 9.43
CA ALA A 118 11.22 13.75 9.90
C ALA A 118 11.61 13.09 11.21
N HIS A 119 10.61 12.83 12.04
CA HIS A 119 10.74 12.19 13.33
C HIS A 119 11.06 10.70 13.17
N GLU A 120 10.37 10.03 12.27
CA GLU A 120 10.64 8.61 12.08
C GLU A 120 12.01 8.38 11.45
N ILE A 121 12.43 9.27 10.55
CA ILE A 121 13.73 9.10 9.92
C ILE A 121 14.86 9.31 10.92
N GLY A 122 14.59 10.09 11.97
CA GLY A 122 15.46 10.11 13.13
C GLY A 122 15.71 8.75 13.76
N HIS A 123 14.66 7.95 13.91
CA HIS A 123 14.80 6.60 14.45
C HIS A 123 15.58 5.75 13.46
N SER A 124 15.22 5.85 12.17
CA SER A 124 15.91 5.09 11.11
C SER A 124 17.41 5.35 11.13
N LEU A 125 17.81 6.53 11.59
CA LEU A 125 19.23 6.93 11.65
C LEU A 125 19.99 6.67 12.95
N GLY A 126 19.28 6.34 14.03
CA GLY A 126 19.97 5.95 15.25
C GLY A 126 19.58 6.74 16.49
N LEU A 127 18.64 7.65 16.36
CA LEU A 127 18.20 8.46 17.50
C LEU A 127 16.94 7.92 18.19
N PHE A 128 17.01 7.77 19.50
CA PHE A 128 15.86 7.31 20.29
C PHE A 128 15.13 8.59 20.72
N HIS A 129 14.16 8.52 21.63
CA HIS A 129 13.43 9.73 22.07
C HIS A 129 14.25 10.72 22.90
N SER A 130 14.29 11.96 22.43
CA SER A 130 15.07 12.97 23.13
C SER A 130 14.22 13.81 24.11
N ALA A 131 14.54 13.69 25.39
CA ALA A 131 13.82 14.33 26.51
C ALA A 131 13.47 15.81 26.48
N ASN A 132 14.08 16.57 25.59
CA ASN A 132 13.82 17.99 25.46
C ASN A 132 12.45 18.20 24.80
N THR A 133 11.58 18.94 25.46
CA THR A 133 10.24 19.22 24.98
C THR A 133 10.19 20.00 23.66
N GLU A 134 11.22 20.79 23.41
CA GLU A 134 11.32 21.58 22.19
C GLU A 134 12.03 20.85 21.04
N ALA A 135 12.41 19.59 21.28
CA ALA A 135 13.12 18.78 20.29
C ALA A 135 12.20 17.98 19.37
N LEU A 136 12.62 17.80 18.11
CA LEU A 136 11.85 17.00 17.13
C LEU A 136 11.67 15.56 17.61
N MET A 137 12.70 14.99 18.21
CA MET A 137 12.59 13.61 18.66
C MET A 137 11.81 13.38 19.96
N TYR A 138 11.20 14.43 20.51
CA TYR A 138 10.36 14.31 21.71
C TYR A 138 9.14 13.50 21.22
N PRO A 139 8.78 12.42 21.95
CA PRO A 139 7.66 11.52 21.64
C PRO A 139 6.24 12.05 21.53
N LEU A 140 6.03 13.33 21.82
CA LEU A 140 4.67 13.86 21.75
C LEU A 140 4.40 14.77 20.57
N TYR A 141 3.63 14.28 19.62
CA TYR A 141 3.26 15.07 18.45
C TYR A 141 2.13 16.02 18.82
N HIS A 142 2.29 17.27 18.49
CA HIS A 142 1.26 18.23 18.78
C HIS A 142 0.98 18.90 17.44
N SER A 143 -0.30 19.17 17.16
CA SER A 143 -0.67 19.82 15.90
C SER A 143 -0.19 21.27 15.90
N LEU A 144 1.10 21.39 15.59
CA LEU A 144 1.83 22.64 15.58
C LEU A 144 1.14 23.78 14.88
N THR A 145 0.92 23.60 13.57
CA THR A 145 0.29 24.61 12.72
C THR A 145 1.41 25.55 12.18
N ASP A 146 2.38 25.90 13.02
CA ASP A 146 3.48 26.77 12.56
C ASP A 146 4.72 26.05 12.02
N LEU A 147 4.57 25.47 10.83
CA LEU A 147 5.66 24.79 10.15
C LEU A 147 6.52 25.84 9.47
N THR A 148 6.02 27.07 9.53
CA THR A 148 6.68 28.25 9.00
C THR A 148 7.90 28.61 9.84
N ARG A 149 7.90 28.18 11.10
CA ARG A 149 9.01 28.44 12.02
C ARG A 149 9.77 27.17 12.44
N PHE A 150 9.54 26.05 11.76
CA PHE A 150 10.26 24.85 12.15
C PHE A 150 11.77 24.94 11.96
N ARG A 151 12.51 24.55 13.00
CA ARG A 151 13.98 24.54 13.03
C ARG A 151 14.37 23.32 13.84
N LEU A 152 15.32 22.51 13.38
CA LEU A 152 15.76 21.37 14.18
C LEU A 152 16.42 21.93 15.44
N SER A 153 15.96 21.53 16.61
CA SER A 153 16.54 22.07 17.82
C SER A 153 17.99 21.65 17.98
N GLN A 154 18.74 22.39 18.78
CA GLN A 154 20.14 22.04 18.99
C GLN A 154 20.30 20.65 19.53
N ASP A 155 19.36 20.20 20.35
CA ASP A 155 19.44 18.85 20.91
C ASP A 155 19.45 17.78 19.81
N ASP A 156 18.59 17.93 18.82
CA ASP A 156 18.53 16.98 17.71
C ASP A 156 19.85 17.02 16.92
N ILE A 157 20.36 18.24 16.73
CA ILE A 157 21.63 18.44 16.04
C ILE A 157 22.75 17.76 16.84
N ASN A 158 22.83 18.05 18.14
CA ASN A 158 23.82 17.42 19.02
C ASN A 158 23.74 15.90 18.90
N GLY A 159 22.53 15.37 18.97
CA GLY A 159 22.34 13.93 18.97
C GLY A 159 22.68 13.18 17.71
N ILE A 160 22.42 13.80 16.56
CA ILE A 160 22.68 13.16 15.27
C ILE A 160 24.15 13.37 14.85
N GLN A 161 24.79 14.43 15.37
CA GLN A 161 26.19 14.67 15.08
C GLN A 161 27.08 13.83 16.00
N SER A 162 26.53 13.30 17.08
CA SER A 162 27.30 12.44 17.96
C SER A 162 27.47 11.15 17.20
N LEU A 163 26.47 10.81 16.40
CA LEU A 163 26.51 9.59 15.60
C LEU A 163 27.38 9.67 14.34
N TYR A 164 27.23 10.74 13.55
CA TYR A 164 27.97 10.86 12.30
C TYR A 164 28.84 12.13 12.10
N GLY A 165 28.85 13.01 13.10
CA GLY A 165 29.67 14.20 13.00
C GLY A 165 28.99 15.32 12.21
N PRO A 166 29.61 16.51 12.15
CA PRO A 166 29.13 17.70 11.44
C PRO A 166 29.35 17.50 9.95
N PRO A 167 28.61 18.25 9.11
CA PRO A 167 28.82 18.06 7.67
C PRO A 167 30.09 18.74 7.15
N PRO A 168 30.72 18.17 6.11
CA PRO A 168 31.93 18.78 5.57
C PRO A 168 31.64 20.17 5.01
N ASP A 169 32.33 21.15 5.55
CA ASP A 169 32.18 22.54 5.15
C ASP A 169 33.42 23.00 4.39
N PHE B 1 -16.36 -24.54 -15.76
CA PHE B 1 -16.09 -23.58 -14.66
C PHE B 1 -16.06 -24.34 -13.34
N ARG B 2 -15.66 -23.64 -12.27
CA ARG B 2 -15.60 -24.22 -10.92
C ARG B 2 -15.84 -23.16 -9.85
N THR B 3 -16.32 -23.60 -8.70
CA THR B 3 -16.60 -22.71 -7.58
C THR B 3 -15.86 -23.23 -6.34
N PHE B 4 -15.91 -22.47 -5.25
CA PHE B 4 -15.23 -22.86 -4.00
C PHE B 4 -16.11 -23.89 -3.25
N PRO B 5 -15.52 -24.65 -2.29
CA PRO B 5 -16.30 -25.65 -1.55
C PRO B 5 -17.59 -25.11 -0.90
N GLY B 6 -18.70 -25.77 -1.18
CA GLY B 6 -19.98 -25.34 -0.63
C GLY B 6 -20.65 -24.26 -1.45
N ILE B 7 -20.01 -23.84 -2.53
CA ILE B 7 -20.53 -22.79 -3.40
C ILE B 7 -20.94 -21.51 -2.66
N PRO B 8 -20.01 -20.91 -1.90
CA PRO B 8 -20.39 -19.70 -1.18
C PRO B 8 -20.43 -18.47 -2.09
N LYS B 9 -21.54 -17.74 -2.01
CA LYS B 9 -21.76 -16.53 -2.79
C LYS B 9 -22.39 -15.49 -1.86
N TRP B 10 -22.43 -14.23 -2.30
CA TRP B 10 -23.02 -13.17 -1.48
C TRP B 10 -24.54 -13.22 -1.47
N ARG B 11 -25.15 -12.81 -0.36
CA ARG B 11 -26.61 -12.79 -0.21
C ARG B 11 -27.15 -11.48 -0.78
N LYS B 12 -26.36 -10.41 -0.60
CA LYS B 12 -26.73 -9.11 -1.11
C LYS B 12 -26.21 -8.92 -2.54
N THR B 13 -27.00 -8.22 -3.34
CA THR B 13 -26.68 -7.94 -4.74
C THR B 13 -25.91 -6.64 -4.94
N HIS B 14 -25.83 -5.83 -3.90
CA HIS B 14 -25.08 -4.60 -3.98
C HIS B 14 -23.92 -4.65 -3.00
N LEU B 15 -22.71 -4.68 -3.55
CA LEU B 15 -21.50 -4.72 -2.73
C LEU B 15 -20.77 -3.39 -2.72
N THR B 16 -19.87 -3.24 -1.78
CA THR B 16 -19.09 -2.03 -1.70
C THR B 16 -17.62 -2.41 -1.83
N TYR B 17 -16.83 -1.52 -2.42
CA TYR B 17 -15.41 -1.77 -2.59
C TYR B 17 -14.60 -0.57 -2.11
N ARG B 18 -13.34 -0.81 -1.78
CA ARG B 18 -12.46 0.25 -1.33
C ARG B 18 -11.01 -0.04 -1.77
N ILE B 19 -10.34 0.99 -2.28
CA ILE B 19 -8.96 0.87 -2.70
C ILE B 19 -8.20 1.46 -1.51
N VAL B 20 -7.62 0.56 -0.73
CA VAL B 20 -6.90 0.88 0.50
C VAL B 20 -5.58 1.64 0.37
N ASN B 21 -4.76 1.25 -0.60
CA ASN B 21 -3.49 1.93 -0.84
C ASN B 21 -3.19 2.00 -2.34
N TYR B 22 -2.11 2.69 -2.70
CA TYR B 22 -1.76 2.85 -4.12
C TYR B 22 -0.33 2.47 -4.51
N THR B 23 -0.20 2.03 -5.76
CA THR B 23 1.06 1.56 -6.33
C THR B 23 1.90 2.66 -6.98
N PRO B 24 3.24 2.56 -6.86
CA PRO B 24 4.19 3.52 -7.43
C PRO B 24 4.17 3.45 -8.97
N ASP B 25 3.78 2.28 -9.47
CA ASP B 25 3.72 1.96 -10.90
C ASP B 25 2.81 2.82 -11.77
N LEU B 26 1.63 3.16 -11.26
CA LEU B 26 0.63 3.94 -11.99
C LEU B 26 0.08 5.11 -11.17
N PRO B 27 -0.31 6.19 -11.86
CA PRO B 27 -0.86 7.33 -11.12
C PRO B 27 -2.20 6.89 -10.55
N LYS B 28 -2.55 7.41 -9.38
CA LYS B 28 -3.78 7.02 -8.71
C LYS B 28 -5.02 6.81 -9.55
N ASP B 29 -5.24 7.67 -10.55
CA ASP B 29 -6.44 7.57 -11.39
C ASP B 29 -6.45 6.38 -12.36
N ALA B 30 -5.28 5.93 -12.80
CA ALA B 30 -5.22 4.78 -13.67
C ALA B 30 -5.63 3.55 -12.88
N VAL B 31 -5.28 3.50 -11.59
CA VAL B 31 -5.65 2.35 -10.78
C VAL B 31 -7.16 2.31 -10.61
N ASP B 32 -7.74 3.47 -10.33
CA ASP B 32 -9.18 3.57 -10.15
C ASP B 32 -9.94 3.09 -11.38
N SER B 33 -9.64 3.68 -12.53
CA SER B 33 -10.31 3.30 -13.75
C SER B 33 -10.20 1.81 -14.04
N ALA B 34 -9.04 1.23 -13.77
CA ALA B 34 -8.86 -0.21 -14.02
C ALA B 34 -9.75 -1.05 -13.10
N VAL B 35 -9.92 -0.59 -11.87
CA VAL B 35 -10.77 -1.28 -10.93
C VAL B 35 -12.23 -1.07 -11.31
N GLU B 36 -12.55 0.12 -11.81
CA GLU B 36 -13.92 0.40 -12.25
C GLU B 36 -14.30 -0.52 -13.40
N LYS B 37 -13.38 -0.72 -14.34
CA LYS B 37 -13.65 -1.61 -15.46
C LYS B 37 -13.70 -3.08 -15.04
N ALA B 38 -12.84 -3.49 -14.13
CA ALA B 38 -12.85 -4.89 -13.68
C ALA B 38 -14.18 -5.30 -13.04
N LEU B 39 -14.76 -4.41 -12.25
CA LEU B 39 -16.04 -4.64 -11.58
C LEU B 39 -17.15 -4.69 -12.62
N LYS B 40 -17.05 -3.76 -13.56
CA LYS B 40 -17.99 -3.57 -14.65
C LYS B 40 -18.22 -4.83 -15.49
N VAL B 41 -17.16 -5.56 -15.81
CA VAL B 41 -17.39 -6.76 -16.61
C VAL B 41 -18.28 -7.79 -15.89
N TRP B 42 -18.21 -7.84 -14.56
CA TRP B 42 -19.04 -8.78 -13.82
C TRP B 42 -20.45 -8.24 -13.62
N GLU B 43 -20.52 -6.95 -13.32
CA GLU B 43 -21.75 -6.20 -13.11
C GLU B 43 -22.62 -6.20 -14.37
N GLU B 44 -21.97 -6.40 -15.51
CA GLU B 44 -22.58 -6.43 -16.83
C GLU B 44 -23.41 -7.66 -17.17
N VAL B 45 -23.03 -8.82 -16.61
CA VAL B 45 -23.74 -10.08 -16.88
C VAL B 45 -24.47 -10.74 -15.70
N THR B 46 -24.77 -9.95 -14.67
CA THR B 46 -25.46 -10.43 -13.46
C THR B 46 -26.18 -9.24 -12.83
N PRO B 47 -26.96 -9.47 -11.76
CA PRO B 47 -27.67 -8.37 -11.11
C PRO B 47 -26.76 -7.51 -10.19
N LEU B 48 -25.49 -7.89 -10.05
CA LEU B 48 -24.53 -7.19 -9.16
C LEU B 48 -24.18 -5.75 -9.48
N THR B 49 -24.17 -4.95 -8.42
CA THR B 49 -23.81 -3.55 -8.53
C THR B 49 -22.75 -3.28 -7.45
N PHE B 50 -21.85 -2.33 -7.70
CA PHE B 50 -20.76 -2.03 -6.76
C PHE B 50 -20.61 -0.52 -6.47
N SER B 51 -20.43 -0.15 -5.20
CA SER B 51 -20.25 1.26 -4.87
C SER B 51 -18.95 1.48 -4.06
N ARG B 52 -18.35 2.65 -4.25
CA ARG B 52 -17.08 2.99 -3.64
C ARG B 52 -17.07 3.71 -2.30
N LEU B 53 -16.27 3.18 -1.37
CA LEU B 53 -16.11 3.78 -0.05
C LEU B 53 -14.71 4.37 0.08
N TYR B 54 -14.62 5.53 0.71
CA TYR B 54 -13.34 6.18 0.92
C TYR B 54 -13.01 6.04 2.40
N GLU B 55 -13.98 5.55 3.15
CA GLU B 55 -13.85 5.38 4.59
C GLU B 55 -14.33 3.97 4.94
N GLY B 56 -14.00 3.50 6.13
CA GLY B 56 -14.70 2.34 6.68
C GLY B 56 -14.35 1.02 6.03
N GLU B 57 -15.06 -0.03 6.41
CA GLU B 57 -14.82 -1.37 5.84
C GLU B 57 -15.81 -1.64 4.72
N ALA B 58 -15.29 -2.08 3.59
CA ALA B 58 -16.15 -2.40 2.45
C ALA B 58 -16.06 -3.91 2.23
N ASP B 59 -17.04 -4.47 1.49
CA ASP B 59 -17.07 -5.90 1.20
C ASP B 59 -15.75 -6.36 0.57
N ILE B 60 -15.42 -5.75 -0.57
CA ILE B 60 -14.20 -6.04 -1.30
C ILE B 60 -13.14 -4.99 -1.00
N MET B 61 -12.20 -5.36 -0.14
CA MET B 61 -11.10 -4.47 0.22
C MET B 61 -9.93 -4.75 -0.72
N ILE B 62 -9.58 -3.73 -1.50
CA ILE B 62 -8.51 -3.85 -2.48
C ILE B 62 -7.19 -3.17 -2.09
N SER B 63 -6.10 -3.91 -2.11
CA SER B 63 -4.82 -3.30 -1.77
C SER B 63 -3.61 -3.89 -2.52
N PHE B 64 -2.48 -3.19 -2.42
CA PHE B 64 -1.25 -3.64 -3.05
C PHE B 64 -0.37 -4.13 -1.91
N ALA B 65 0.40 -5.18 -2.14
CA ALA B 65 1.25 -5.70 -1.07
C ALA B 65 2.50 -6.41 -1.57
N VAL B 66 3.49 -6.53 -0.70
CA VAL B 66 4.73 -7.20 -1.01
C VAL B 66 5.05 -8.15 0.15
N ARG B 67 5.51 -9.36 -0.19
CA ARG B 67 5.88 -10.41 0.76
C ARG B 67 4.94 -10.57 1.98
N GLU B 68 5.46 -10.43 3.19
CA GLU B 68 4.60 -10.56 4.37
C GLU B 68 3.75 -9.30 4.52
N HIS B 69 2.45 -9.45 4.41
CA HIS B 69 1.56 -8.30 4.51
C HIS B 69 0.35 -8.58 5.36
N GLY B 70 0.54 -9.29 6.48
CA GLY B 70 -0.50 -9.32 7.47
C GLY B 70 -1.58 -10.36 7.25
N ASP B 71 -1.36 -11.33 6.36
CA ASP B 71 -2.34 -12.38 6.14
C ASP B 71 -1.62 -13.74 6.10
N PHE B 72 -2.37 -14.84 6.12
CA PHE B 72 -1.73 -16.16 6.14
C PHE B 72 -0.82 -16.49 4.96
N TYR B 73 -1.02 -15.79 3.84
CA TYR B 73 -0.29 -16.09 2.63
C TYR B 73 0.59 -14.95 2.07
N PRO B 74 1.90 -15.00 2.34
CA PRO B 74 2.80 -13.94 1.86
C PRO B 74 3.08 -14.05 0.38
N PHE B 75 3.50 -12.94 -0.22
CA PHE B 75 3.82 -12.92 -1.65
C PHE B 75 5.28 -13.27 -1.86
N ASP B 76 5.57 -13.75 -3.06
CA ASP B 76 6.91 -14.10 -3.46
C ASP B 76 7.48 -12.81 -4.00
N GLY B 77 8.50 -12.87 -4.85
CA GLY B 77 9.03 -11.62 -5.38
C GLY B 77 8.46 -11.31 -6.74
N PRO B 78 9.29 -10.78 -7.63
CA PRO B 78 8.82 -10.46 -8.98
C PRO B 78 8.71 -11.75 -9.82
N GLY B 79 7.65 -11.85 -10.61
CA GLY B 79 7.27 -13.12 -11.18
C GLY B 79 6.42 -14.02 -10.30
N ASN B 80 6.00 -15.14 -10.87
CA ASN B 80 5.16 -16.14 -10.20
C ASN B 80 3.79 -15.63 -9.73
N VAL B 81 3.43 -15.80 -8.46
CA VAL B 81 2.13 -15.31 -8.00
C VAL B 81 2.01 -13.79 -8.13
N LEU B 82 1.07 -13.34 -8.95
CA LEU B 82 0.84 -11.92 -9.19
C LEU B 82 -0.18 -11.30 -8.25
N ALA B 83 -1.15 -12.10 -7.79
CA ALA B 83 -2.17 -11.59 -6.88
C ALA B 83 -3.07 -12.68 -6.32
N HIS B 84 -3.95 -12.30 -5.38
CA HIS B 84 -4.88 -13.24 -4.79
C HIS B 84 -6.06 -12.59 -4.03
N ALA B 85 -7.26 -13.10 -4.31
CA ALA B 85 -8.47 -12.62 -3.67
C ALA B 85 -9.09 -13.76 -2.83
N TYR B 86 -10.05 -13.43 -1.96
CA TYR B 86 -10.69 -14.41 -1.08
C TYR B 86 -12.18 -14.63 -1.38
N ALA B 87 -12.65 -15.85 -1.17
CA ALA B 87 -14.05 -16.22 -1.42
C ALA B 87 -15.04 -15.36 -0.65
N PRO B 88 -16.29 -15.27 -1.12
CA PRO B 88 -17.31 -14.47 -0.45
C PRO B 88 -17.41 -14.65 1.06
N GLY B 89 -17.81 -13.60 1.75
CA GLY B 89 -18.05 -13.71 3.18
C GLY B 89 -17.57 -12.48 3.91
N PRO B 90 -17.59 -12.50 5.24
CA PRO B 90 -17.16 -11.37 6.08
C PRO B 90 -15.64 -11.23 6.30
N GLY B 91 -15.25 -10.08 6.85
CA GLY B 91 -13.87 -9.87 7.20
C GLY B 91 -12.98 -9.93 5.99
N ILE B 92 -11.96 -10.77 6.07
CA ILE B 92 -11.02 -10.88 4.97
C ILE B 92 -11.59 -11.54 3.72
N ASN B 93 -12.74 -12.19 3.85
CA ASN B 93 -13.35 -12.81 2.66
C ASN B 93 -13.82 -11.74 1.66
N GLY B 94 -13.61 -12.01 0.37
CA GLY B 94 -13.85 -11.01 -0.65
C GLY B 94 -12.73 -10.02 -0.98
N ASP B 95 -11.69 -9.95 -0.14
CA ASP B 95 -10.61 -9.01 -0.36
C ASP B 95 -9.65 -9.42 -1.48
N ALA B 96 -9.07 -8.43 -2.15
CA ALA B 96 -8.12 -8.69 -3.24
C ALA B 96 -6.79 -7.99 -2.95
N HIS B 97 -5.70 -8.75 -3.08
CA HIS B 97 -4.37 -8.25 -2.80
C HIS B 97 -3.51 -8.41 -4.05
N PHE B 98 -2.86 -7.33 -4.47
CA PHE B 98 -2.03 -7.36 -5.67
C PHE B 98 -0.56 -7.21 -5.33
N ASP B 99 0.25 -8.13 -5.83
CA ASP B 99 1.68 -8.09 -5.58
C ASP B 99 2.33 -6.88 -6.26
N ASP B 100 2.86 -5.97 -5.47
CA ASP B 100 3.50 -4.79 -6.00
C ASP B 100 4.93 -5.04 -6.52
N ASP B 101 5.38 -6.29 -6.39
CA ASP B 101 6.70 -6.66 -6.90
C ASP B 101 6.57 -6.92 -8.41
N GLU B 102 5.39 -6.65 -8.94
CA GLU B 102 5.14 -6.80 -10.37
C GLU B 102 5.00 -5.38 -10.93
N GLN B 103 5.11 -5.21 -12.24
CA GLN B 103 4.97 -3.88 -12.85
C GLN B 103 3.56 -3.75 -13.40
N TRP B 104 2.70 -3.09 -12.64
CA TRP B 104 1.33 -2.90 -13.05
C TRP B 104 1.24 -1.83 -14.13
N THR B 105 0.77 -2.27 -15.28
CA THR B 105 0.66 -1.44 -16.47
C THR B 105 -0.80 -1.39 -16.96
N LYS B 106 -1.13 -0.39 -17.76
CA LYS B 106 -2.47 -0.35 -18.30
C LYS B 106 -2.54 -0.79 -19.76
N ASP B 107 -1.47 -1.46 -20.19
CA ASP B 107 -1.34 -2.05 -21.52
C ASP B 107 -0.66 -3.42 -21.37
N THR B 108 0.01 -3.91 -22.39
CA THR B 108 0.66 -5.21 -22.29
C THR B 108 2.18 -5.27 -22.15
N THR B 109 2.79 -4.26 -21.53
CA THR B 109 4.24 -4.26 -21.34
C THR B 109 4.67 -4.97 -20.05
N GLY B 110 3.97 -4.73 -18.95
CA GLY B 110 4.24 -5.54 -17.77
C GLY B 110 3.14 -6.52 -17.50
N THR B 111 2.52 -6.36 -16.34
CA THR B 111 1.40 -7.17 -15.91
C THR B 111 0.22 -6.19 -15.94
N ASN B 112 -0.83 -6.49 -16.70
CA ASN B 112 -1.98 -5.59 -16.79
C ASN B 112 -2.85 -5.53 -15.53
N LEU B 113 -3.07 -4.34 -15.01
CA LEU B 113 -3.88 -4.23 -13.79
C LEU B 113 -5.36 -4.65 -13.94
N PHE B 114 -6.05 -4.10 -14.93
CA PHE B 114 -7.45 -4.44 -15.18
C PHE B 114 -7.71 -5.96 -15.31
N LEU B 115 -6.93 -6.59 -16.18
CA LEU B 115 -7.04 -8.01 -16.49
C LEU B 115 -6.89 -8.95 -15.29
N VAL B 116 -5.92 -8.68 -14.42
CA VAL B 116 -5.73 -9.48 -13.21
C VAL B 116 -6.75 -9.09 -12.13
N ALA B 117 -7.14 -7.82 -12.13
CA ALA B 117 -8.15 -7.30 -11.20
C ALA B 117 -9.48 -8.00 -11.50
N ALA B 118 -9.80 -8.14 -12.79
CA ALA B 118 -11.01 -8.82 -13.23
C ALA B 118 -11.04 -10.32 -12.85
N HIS B 119 -9.87 -10.94 -12.82
CA HIS B 119 -9.74 -12.35 -12.45
C HIS B 119 -9.90 -12.49 -10.93
N GLU B 120 -9.39 -11.50 -10.19
CA GLU B 120 -9.46 -11.55 -8.74
C GLU B 120 -10.84 -11.28 -8.16
N ILE B 121 -11.56 -10.33 -8.74
CA ILE B 121 -12.90 -10.01 -8.28
C ILE B 121 -13.88 -11.14 -8.65
N GLY B 122 -13.50 -11.97 -9.61
CA GLY B 122 -14.17 -13.25 -9.78
C GLY B 122 -14.07 -14.10 -8.54
N HIS B 123 -12.88 -14.16 -7.95
CA HIS B 123 -12.67 -14.95 -6.74
C HIS B 123 -13.51 -14.40 -5.58
N SER B 124 -13.45 -13.08 -5.41
CA SER B 124 -14.21 -12.37 -4.38
C SER B 124 -15.71 -12.61 -4.53
N LEU B 125 -16.11 -13.04 -5.73
CA LEU B 125 -17.51 -13.29 -6.08
C LEU B 125 -17.93 -14.77 -6.03
N GLY B 126 -16.95 -15.67 -5.96
CA GLY B 126 -17.27 -17.08 -5.77
C GLY B 126 -16.81 -18.03 -6.86
N LEU B 127 -16.11 -17.50 -7.86
CA LEU B 127 -15.59 -18.34 -8.93
C LEU B 127 -14.14 -18.76 -8.66
N PHE B 128 -13.87 -20.05 -8.80
CA PHE B 128 -12.53 -20.57 -8.60
C PHE B 128 -11.92 -20.76 -10.00
N HIS B 129 -10.90 -21.59 -10.13
CA HIS B 129 -10.29 -21.81 -11.44
C HIS B 129 -11.07 -22.69 -12.40
N SER B 130 -11.15 -22.23 -13.65
CA SER B 130 -11.84 -22.94 -14.73
C SER B 130 -10.82 -23.83 -15.47
N ALA B 131 -11.29 -24.87 -16.15
CA ALA B 131 -10.40 -25.77 -16.90
C ALA B 131 -10.31 -25.41 -18.36
N ASN B 132 -11.19 -24.50 -18.79
CA ASN B 132 -11.26 -24.02 -20.15
C ASN B 132 -10.12 -23.01 -20.35
N THR B 133 -9.21 -23.27 -21.29
CA THR B 133 -8.08 -22.37 -21.50
C THR B 133 -8.37 -20.90 -21.85
N GLU B 134 -9.45 -20.63 -22.58
CA GLU B 134 -9.75 -19.23 -22.92
C GLU B 134 -10.71 -18.52 -21.97
N ALA B 135 -10.92 -19.10 -20.79
CA ALA B 135 -11.80 -18.50 -19.81
C ALA B 135 -10.97 -17.54 -18.95
N LEU B 136 -11.57 -16.42 -18.55
CA LEU B 136 -10.84 -15.47 -17.71
C LEU B 136 -10.39 -16.12 -16.40
N MET B 137 -11.14 -17.11 -15.91
CA MET B 137 -10.79 -17.78 -14.67
C MET B 137 -9.73 -18.89 -14.78
N TYR B 138 -9.17 -19.07 -15.96
CA TYR B 138 -8.13 -20.06 -16.13
C TYR B 138 -6.85 -19.49 -15.44
N PRO B 139 -6.21 -20.29 -14.58
CA PRO B 139 -5.00 -19.93 -13.82
C PRO B 139 -3.70 -19.62 -14.57
N LEU B 140 -3.80 -18.90 -15.69
CA LEU B 140 -2.62 -18.54 -16.45
C LEU B 140 -2.76 -17.17 -17.10
N TYR B 141 -1.80 -16.31 -16.81
CA TYR B 141 -1.78 -14.97 -17.38
C TYR B 141 -0.85 -15.01 -18.59
N HIS B 142 -1.20 -14.28 -19.64
CA HIS B 142 -0.35 -14.22 -20.80
C HIS B 142 -0.59 -12.88 -21.45
N SER B 143 0.37 -12.40 -22.24
CA SER B 143 0.20 -11.14 -22.94
C SER B 143 -0.61 -11.44 -24.20
N LEU B 144 -1.63 -10.64 -24.47
CA LEU B 144 -2.49 -10.87 -25.63
C LEU B 144 -2.62 -9.65 -26.56
N THR B 145 -2.05 -8.53 -26.13
CA THR B 145 -2.05 -7.24 -26.85
C THR B 145 -3.40 -6.55 -27.05
N ASP B 146 -4.48 -7.31 -27.14
CA ASP B 146 -5.78 -6.68 -27.37
C ASP B 146 -6.78 -6.61 -26.22
N LEU B 147 -6.68 -5.52 -25.47
CA LEU B 147 -7.61 -5.25 -24.36
C LEU B 147 -8.70 -4.34 -24.94
N THR B 148 -8.57 -4.05 -26.24
CA THR B 148 -9.49 -3.22 -26.99
C THR B 148 -10.81 -3.95 -27.30
N ARG B 149 -10.71 -5.26 -27.42
CA ARG B 149 -11.88 -6.09 -27.68
C ARG B 149 -11.85 -7.26 -26.70
N PHE B 150 -12.12 -6.96 -25.44
CA PHE B 150 -12.13 -7.97 -24.39
C PHE B 150 -13.56 -8.34 -24.02
N ARG B 151 -13.86 -9.63 -24.02
CA ARG B 151 -15.18 -10.11 -23.69
C ARG B 151 -15.03 -11.35 -22.84
N LEU B 152 -15.90 -11.50 -21.84
CA LEU B 152 -15.87 -12.67 -20.99
C LEU B 152 -16.20 -13.89 -21.85
N SER B 153 -15.51 -15.00 -21.58
CA SER B 153 -15.76 -16.23 -22.33
C SER B 153 -17.10 -16.80 -21.86
N GLN B 154 -17.76 -17.60 -22.69
CA GLN B 154 -19.05 -18.14 -22.26
C GLN B 154 -18.94 -18.89 -20.93
N ASP B 155 -17.80 -19.52 -20.69
CA ASP B 155 -17.61 -20.25 -19.45
C ASP B 155 -17.72 -19.35 -18.22
N ASP B 156 -17.11 -18.17 -18.30
CA ASP B 156 -17.14 -17.20 -17.20
C ASP B 156 -18.59 -16.76 -16.91
N ILE B 157 -19.29 -16.43 -17.98
CA ILE B 157 -20.68 -16.04 -17.91
C ILE B 157 -21.50 -17.14 -17.23
N ASN B 158 -21.35 -18.37 -17.73
CA ASN B 158 -22.04 -19.54 -17.20
C ASN B 158 -21.81 -19.67 -15.70
N GLY B 159 -20.58 -19.45 -15.28
CA GLY B 159 -20.20 -19.70 -13.90
C GLY B 159 -20.69 -18.66 -12.91
N ILE B 160 -20.70 -17.40 -13.34
CA ILE B 160 -21.15 -16.32 -12.47
C ILE B 160 -22.69 -16.28 -12.45
N GLN B 161 -23.30 -16.69 -13.56
CA GLN B 161 -24.76 -16.74 -13.62
C GLN B 161 -25.33 -17.93 -12.82
N SER B 162 -24.48 -18.94 -12.55
CA SER B 162 -24.91 -20.09 -11.74
C SER B 162 -24.95 -19.66 -10.25
N LEU B 163 -24.38 -18.49 -9.98
CA LEU B 163 -24.36 -17.93 -8.64
C LEU B 163 -25.42 -16.83 -8.47
N TYR B 164 -25.36 -15.83 -9.34
CA TYR B 164 -26.25 -14.67 -9.24
C TYR B 164 -27.34 -14.54 -10.30
N GLY B 165 -27.19 -15.25 -11.41
CA GLY B 165 -28.08 -15.11 -12.55
C GLY B 165 -27.75 -13.94 -13.47
N PRO B 166 -28.54 -13.76 -14.55
CA PRO B 166 -28.40 -12.70 -15.55
C PRO B 166 -28.93 -11.38 -15.03
N PRO B 167 -28.64 -10.26 -15.72
CA PRO B 167 -29.14 -8.96 -15.25
C PRO B 167 -30.65 -8.95 -15.36
N PRO B 168 -31.35 -8.40 -14.37
CA PRO B 168 -32.82 -8.36 -14.41
C PRO B 168 -33.42 -7.50 -15.54
N ASP B 169 -32.63 -6.63 -16.16
CA ASP B 169 -33.14 -5.80 -17.23
C ASP B 169 -32.73 -6.25 -18.66
N SER B 170 -32.04 -7.39 -18.75
CA SER B 170 -31.59 -7.93 -20.03
C SER B 170 -32.42 -9.10 -20.54
N PRO B 171 -32.63 -9.16 -21.86
CA PRO B 171 -33.41 -10.25 -22.48
C PRO B 171 -32.53 -11.48 -22.68
N GLU B 172 -33.05 -12.64 -22.32
CA GLU B 172 -32.28 -13.84 -22.47
C GLU B 172 -32.61 -14.54 -23.77
N THR B 173 -31.55 -14.84 -24.52
CA THR B 173 -31.60 -15.55 -25.82
C THR B 173 -32.04 -16.98 -25.62
#